data_1SDX
#
_entry.id   1SDX
#
_cell.length_a   63.210
_cell.length_b   50.570
_cell.length_c   66.170
_cell.angle_alpha   90.00
_cell.angle_beta   107.64
_cell.angle_gamma   90.00
#
_symmetry.space_group_name_H-M   'P 1 21 1'
#
loop_
_entity.id
_entity.type
_entity.pdbx_description
1 polymer Lactotransferrin
2 polymer Lactotransferrin
3 branched 2-acetamido-2-deoxy-alpha-D-glucopyranose-(1-4)-2-acetamido-2-deoxy-beta-D-glucopyranose
4 branched alpha-D-mannopyranose-(1-3)-[alpha-D-mannopyranose-(1-4)]alpha-D-mannopyranose-(1-4)-beta-D-mannopyranose-(1-4)-2-acetamido-2-deoxy-alpha-D-glucopyranose-(1-4)-2-acetamido-2-deoxy-beta-D-glucopyranose
5 branched alpha-D-mannopyranose-(1-4)-2-acetamido-2-deoxy-beta-D-glucopyranose-(1-4)-2-acetamido-2-deoxy-beta-D-glucopyranose
6 non-polymer 'ZINC ION'
7 non-polymer 'CARBONATE ION'
8 non-polymer 'SULFATE ION'
9 water water
#
loop_
_entity_poly.entity_id
_entity_poly.type
_entity_poly.pdbx_seq_one_letter_code
_entity_poly.pdbx_strand_id
1 'polypeptide(L)'
;YTRVVWCAVGPEEQKKCQQWSQQSGQNVTCATASTTDDCIVLVLKGEADALNLDGGYIYTAGKCGLVPVLAENRKSSKHS
SLDCVLRPTEGYLAVAVVKKANEGLTWNSLKDKKSCHTAVDRTAGWNIPMGLIVNQTGSCAFDEFFSQSCAPGADPKSRL
CALCAGDDQGLDKCVPNSKEKYYGYTGAFRCLAEDVGDVAFVKNDTVWENTNGESTADWAKNLKREDFRLLCLDGTRKPV
TEAQSCHLAVAPNHAVVSRSDRAAHVEQVLLHQQALFGKNGKNCPDKFCLFKSETKNLLFNDNTECLAKLGGRPTYEEYL
GTEYVTAIANLKKCS
;
A
2 'polypeptide(L)' LEACA E
#
# COMPACT_ATOMS: atom_id res chain seq x y z
N TYR A 1 -23.04 20.51 -2.14
CA TYR A 1 -23.77 19.30 -2.66
C TYR A 1 -22.94 18.66 -3.76
N THR A 2 -21.87 19.35 -4.14
CA THR A 2 -20.99 18.88 -5.18
C THR A 2 -19.59 18.65 -4.63
N ARG A 3 -19.42 18.89 -3.33
CA ARG A 3 -18.13 18.70 -2.71
C ARG A 3 -17.92 17.23 -2.32
N VAL A 4 -16.67 16.81 -2.33
CA VAL A 4 -16.30 15.44 -2.00
C VAL A 4 -15.59 15.39 -0.65
N VAL A 5 -15.99 14.44 0.18
CA VAL A 5 -15.38 14.28 1.49
C VAL A 5 -14.36 13.13 1.41
N TRP A 6 -13.09 13.47 1.56
CA TRP A 6 -12.04 12.46 1.52
C TRP A 6 -11.83 11.92 2.93
N CYS A 7 -11.44 10.66 3.04
CA CYS A 7 -11.19 10.08 4.36
C CYS A 7 -9.70 9.88 4.54
N ALA A 8 -9.14 10.51 5.56
CA ALA A 8 -7.71 10.38 5.83
C ALA A 8 -7.49 9.39 6.96
N VAL A 9 -6.43 8.59 6.83
CA VAL A 9 -6.10 7.61 7.84
C VAL A 9 -4.95 8.15 8.70
N GLY A 10 -5.26 8.55 9.92
CA GLY A 10 -4.24 9.07 10.82
C GLY A 10 -3.97 10.55 10.69
N PRO A 11 -3.24 11.14 11.67
CA PRO A 11 -2.82 12.54 11.82
C PRO A 11 -2.10 13.17 10.63
N GLU A 12 -1.14 12.43 10.07
CA GLU A 12 -0.37 12.96 8.95
C GLU A 12 -1.17 13.05 7.67
N GLU A 13 -1.99 12.06 7.37
CA GLU A 13 -2.80 12.13 6.14
C GLU A 13 -3.82 13.25 6.35
N GLN A 14 -4.27 13.43 7.58
CA GLN A 14 -5.24 14.47 7.87
C GLN A 14 -4.63 15.84 7.54
N LYS A 15 -3.41 16.08 8.02
CA LYS A 15 -2.76 17.35 7.75
C LYS A 15 -2.63 17.61 6.25
N LYS A 16 -2.21 16.60 5.48
CA LYS A 16 -2.09 16.81 4.05
C LYS A 16 -3.47 17.01 3.41
N CYS A 17 -4.49 16.35 3.94
CA CYS A 17 -5.82 16.50 3.39
C CYS A 17 -6.30 17.94 3.63
N GLN A 18 -6.01 18.47 4.81
CA GLN A 18 -6.39 19.83 5.17
C GLN A 18 -5.82 20.84 4.17
N GLN A 19 -4.57 20.61 3.75
CA GLN A 19 -3.91 21.48 2.80
C GLN A 19 -4.60 21.42 1.43
N TRP A 20 -4.92 20.21 1.02
CA TRP A 20 -5.59 19.98 -0.26
C TRP A 20 -6.98 20.62 -0.22
N SER A 21 -7.61 20.58 0.95
CA SER A 21 -8.94 21.17 1.12
C SER A 21 -8.84 22.68 0.90
N GLN A 22 -7.89 23.28 1.61
CA GLN A 22 -7.59 24.71 1.56
C GLN A 22 -7.40 25.20 0.11
N GLN A 23 -6.45 24.60 -0.60
CA GLN A 23 -6.16 24.97 -1.98
C GLN A 23 -7.27 24.66 -2.98
N SER A 24 -8.17 23.75 -2.62
CA SER A 24 -9.26 23.37 -3.51
C SER A 24 -10.48 24.26 -3.33
N GLY A 25 -10.40 25.20 -2.40
CA GLY A 25 -11.53 26.07 -2.16
C GLY A 25 -12.67 25.28 -1.56
N GLN A 26 -12.30 24.29 -0.75
CA GLN A 26 -13.26 23.44 -0.07
C GLN A 26 -14.09 22.57 -1.01
N ASN A 27 -13.63 22.37 -2.24
CA ASN A 27 -14.40 21.50 -3.11
C ASN A 27 -14.18 20.09 -2.61
N VAL A 28 -13.06 19.92 -1.93
CA VAL A 28 -12.73 18.67 -1.29
C VAL A 28 -12.60 19.02 0.18
N THR A 29 -13.17 18.19 1.04
CA THR A 29 -13.13 18.42 2.47
C THR A 29 -12.64 17.13 3.14
N CYS A 30 -12.38 17.14 4.45
CA CYS A 30 -11.81 15.95 5.08
C CYS A 30 -12.47 15.36 6.32
N ALA A 31 -12.46 14.04 6.37
CA ALA A 31 -12.94 13.28 7.51
C ALA A 31 -11.69 12.46 7.85
N THR A 32 -11.49 12.16 9.12
CA THR A 32 -10.32 11.38 9.52
C THR A 32 -10.74 10.20 10.40
N ALA A 33 -9.98 9.12 10.31
CA ALA A 33 -10.24 7.93 11.10
C ALA A 33 -8.90 7.32 11.46
N SER A 34 -8.85 6.50 12.51
CA SER A 34 -7.60 5.89 12.95
C SER A 34 -7.11 4.73 12.09
N THR A 35 -8.02 4.08 11.38
CA THR A 35 -7.60 2.95 10.55
C THR A 35 -8.33 2.97 9.22
N THR A 36 -7.83 2.18 8.28
CA THR A 36 -8.43 2.08 6.97
C THR A 36 -9.82 1.45 7.07
N ASP A 37 -9.97 0.43 7.91
CA ASP A 37 -11.28 -0.22 8.08
C ASP A 37 -12.32 0.78 8.60
N ASP A 38 -11.90 1.70 9.47
CA ASP A 38 -12.83 2.70 10.00
C ASP A 38 -13.22 3.69 8.89
N CYS A 39 -12.29 4.00 7.99
CA CYS A 39 -12.61 4.91 6.88
C CYS A 39 -13.65 4.25 5.97
N ILE A 40 -13.53 2.93 5.76
CA ILE A 40 -14.50 2.22 4.94
C ILE A 40 -15.89 2.37 5.53
N VAL A 41 -15.97 2.24 6.86
CA VAL A 41 -17.25 2.37 7.57
C VAL A 41 -17.84 3.77 7.39
N LEU A 42 -17.02 4.81 7.50
CA LEU A 42 -17.51 6.17 7.32
C LEU A 42 -18.10 6.30 5.91
N VAL A 43 -17.44 5.70 4.93
CA VAL A 43 -17.93 5.75 3.55
C VAL A 43 -19.28 5.05 3.46
N LEU A 44 -19.38 3.87 4.04
CA LEU A 44 -20.64 3.13 4.03
C LEU A 44 -21.76 3.94 4.67
N LYS A 45 -21.45 4.62 5.76
CA LYS A 45 -22.47 5.43 6.44
C LYS A 45 -22.83 6.67 5.64
N GLY A 46 -21.96 7.05 4.70
CA GLY A 46 -22.24 8.22 3.91
C GLY A 46 -21.65 9.48 4.50
N GLU A 47 -20.81 9.33 5.52
CA GLU A 47 -20.18 10.48 6.18
C GLU A 47 -18.86 10.87 5.48
N ALA A 48 -18.37 9.99 4.62
CA ALA A 48 -17.17 10.24 3.82
C ALA A 48 -17.52 9.69 2.43
N ASP A 49 -16.92 10.26 1.40
CA ASP A 49 -17.19 9.83 0.03
C ASP A 49 -16.20 8.85 -0.56
N ALA A 50 -14.91 9.03 -0.26
CA ALA A 50 -13.90 8.18 -0.87
C ALA A 50 -12.53 8.21 -0.24
N LEU A 51 -11.69 7.28 -0.68
CA LEU A 51 -10.29 7.17 -0.26
C LEU A 51 -9.60 6.20 -1.22
N ASN A 52 -8.27 6.29 -1.26
CA ASN A 52 -7.44 5.46 -2.13
C ASN A 52 -7.01 4.23 -1.31
N LEU A 53 -7.25 3.04 -1.86
CA LEU A 53 -6.93 1.80 -1.14
C LEU A 53 -6.04 0.77 -1.82
N ASP A 54 -5.30 0.02 -1.01
CA ASP A 54 -4.46 -1.06 -1.50
C ASP A 54 -5.46 -2.18 -1.87
N GLY A 55 -5.05 -3.11 -2.74
CA GLY A 55 -5.93 -4.18 -3.18
C GLY A 55 -6.60 -5.03 -2.11
N GLY A 56 -5.87 -5.35 -1.05
CA GLY A 56 -6.43 -6.16 0.01
C GLY A 56 -7.62 -5.49 0.67
N TYR A 57 -7.53 -4.17 0.84
CA TYR A 57 -8.62 -3.44 1.46
C TYR A 57 -9.73 -3.25 0.43
N ILE A 58 -9.39 -3.29 -0.86
CA ILE A 58 -10.42 -3.13 -1.90
C ILE A 58 -11.31 -4.36 -1.83
N TYR A 59 -10.74 -5.50 -1.45
CA TYR A 59 -11.51 -6.72 -1.32
C TYR A 59 -12.52 -6.55 -0.19
N THR A 60 -12.08 -6.01 0.94
CA THR A 60 -12.97 -5.80 2.09
C THR A 60 -14.11 -4.84 1.72
N ALA A 61 -13.75 -3.72 1.11
CA ALA A 61 -14.72 -2.70 0.72
C ALA A 61 -15.72 -3.24 -0.30
N GLY A 62 -15.20 -4.05 -1.23
CA GLY A 62 -16.00 -4.65 -2.29
C GLY A 62 -17.14 -5.51 -1.80
N LYS A 63 -16.85 -6.38 -0.84
CA LYS A 63 -17.88 -7.25 -0.28
C LYS A 63 -18.97 -6.40 0.40
N CYS A 64 -18.62 -5.19 0.82
CA CYS A 64 -19.61 -4.33 1.45
C CYS A 64 -20.26 -3.43 0.40
N GLY A 65 -19.98 -3.70 -0.86
CA GLY A 65 -20.60 -2.91 -1.91
C GLY A 65 -19.93 -1.65 -2.42
N LEU A 66 -18.69 -1.38 -2.05
CA LEU A 66 -18.04 -0.18 -2.57
C LEU A 66 -17.42 -0.55 -3.91
N VAL A 67 -17.17 0.45 -4.76
CA VAL A 67 -16.62 0.16 -6.07
C VAL A 67 -15.39 0.98 -6.45
N PRO A 68 -14.54 0.41 -7.32
CA PRO A 68 -13.30 1.02 -7.83
C PRO A 68 -13.76 2.19 -8.71
N VAL A 69 -13.04 3.31 -8.65
CA VAL A 69 -13.43 4.49 -9.42
C VAL A 69 -12.34 4.93 -10.41
N LEU A 70 -11.13 5.09 -9.88
CA LEU A 70 -9.98 5.49 -10.69
C LEU A 70 -8.80 4.78 -10.04
N ALA A 71 -7.78 4.46 -10.84
CA ALA A 71 -6.61 3.76 -10.30
C ALA A 71 -5.32 4.56 -10.36
N GLU A 72 -4.39 4.26 -9.47
CA GLU A 72 -3.10 4.95 -9.50
C GLU A 72 -2.36 4.40 -10.72
N ASN A 73 -1.67 5.28 -11.43
CA ASN A 73 -0.89 4.87 -12.60
C ASN A 73 0.50 5.46 -12.43
N ARG A 74 1.53 4.64 -12.45
CA ARG A 74 2.89 5.16 -12.31
C ARG A 74 3.55 5.19 -13.69
N LYS A 75 4.75 5.77 -13.78
CA LYS A 75 5.42 5.87 -15.07
C LYS A 75 5.85 4.57 -15.74
N SER A 76 5.41 4.40 -16.99
CA SER A 76 5.72 3.20 -17.75
C SER A 76 6.22 3.45 -19.17
N SER A 77 6.94 2.46 -19.68
CA SER A 77 7.54 2.52 -21.00
C SER A 77 6.77 1.86 -22.17
N LYS A 78 6.16 0.69 -21.93
CA LYS A 78 5.50 -0.07 -23.01
C LYS A 78 4.22 0.48 -23.66
N HIS A 79 3.40 1.23 -22.92
CA HIS A 79 2.19 1.82 -23.51
C HIS A 79 2.34 3.34 -23.43
N SER A 80 3.38 3.84 -24.09
CA SER A 80 3.73 5.27 -24.08
C SER A 80 2.99 6.19 -25.05
N SER A 81 2.32 5.63 -26.05
CA SER A 81 1.61 6.46 -27.01
C SER A 81 0.37 7.12 -26.39
N LEU A 82 -0.20 6.46 -25.39
CA LEU A 82 -1.40 6.95 -24.72
C LEU A 82 -1.15 7.89 -23.55
N ASP A 83 -2.12 8.77 -23.30
CA ASP A 83 -2.02 9.72 -22.20
C ASP A 83 -2.19 8.90 -20.92
N CYS A 84 -1.66 9.39 -19.81
CA CYS A 84 -1.74 8.67 -18.54
C CYS A 84 -3.16 8.29 -18.06
N VAL A 85 -4.07 9.25 -18.07
CA VAL A 85 -5.45 9.01 -17.61
C VAL A 85 -6.20 7.91 -18.36
N LEU A 86 -5.84 7.67 -19.63
CA LEU A 86 -6.49 6.65 -20.45
C LEU A 86 -5.67 5.37 -20.54
N ARG A 87 -4.43 5.43 -20.05
CA ARG A 87 -3.52 4.30 -20.10
C ARG A 87 -3.84 3.16 -19.14
N PRO A 88 -3.79 1.92 -19.63
CA PRO A 88 -4.07 0.73 -18.82
C PRO A 88 -3.07 0.67 -17.66
N THR A 89 -3.44 0.04 -16.56
CA THR A 89 -2.53 -0.08 -15.43
C THR A 89 -1.68 -1.35 -15.55
N GLU A 90 -0.43 -1.27 -15.12
CA GLU A 90 0.52 -2.38 -15.21
C GLU A 90 0.48 -3.30 -13.98
N GLY A 91 0.30 -2.70 -12.81
CA GLY A 91 0.28 -3.46 -11.57
C GLY A 91 1.69 -3.33 -11.01
N TYR A 92 1.91 -3.68 -9.75
CA TYR A 92 3.26 -3.59 -9.23
C TYR A 92 3.76 -4.94 -8.79
N LEU A 93 5.07 -5.06 -8.63
CA LEU A 93 5.66 -6.32 -8.25
C LEU A 93 5.85 -6.50 -6.75
N ALA A 94 5.21 -7.50 -6.18
CA ALA A 94 5.36 -7.77 -4.76
C ALA A 94 6.66 -8.57 -4.60
N VAL A 95 7.58 -8.10 -3.75
CA VAL A 95 8.86 -8.77 -3.54
C VAL A 95 9.19 -9.00 -2.07
N ALA A 96 10.14 -9.90 -1.82
CA ALA A 96 10.62 -10.20 -0.46
C ALA A 96 12.07 -9.74 -0.52
N VAL A 97 12.43 -8.84 0.39
CA VAL A 97 13.78 -8.26 0.40
C VAL A 97 14.58 -8.56 1.66
N VAL A 98 15.88 -8.79 1.47
CA VAL A 98 16.79 -9.06 2.58
C VAL A 98 18.12 -8.35 2.39
N LYS A 99 18.95 -8.33 3.43
CA LYS A 99 20.24 -7.70 3.33
C LYS A 99 21.27 -8.72 2.80
N LYS A 100 22.11 -8.28 1.87
CA LYS A 100 23.15 -9.13 1.27
C LYS A 100 23.97 -9.84 2.35
N ALA A 101 24.40 -9.07 3.35
CA ALA A 101 25.20 -9.59 4.45
C ALA A 101 24.58 -10.79 5.15
N ASN A 102 23.26 -10.90 5.11
CA ASN A 102 22.56 -12.00 5.74
C ASN A 102 22.62 -13.14 4.72
N GLU A 103 23.84 -13.56 4.38
CA GLU A 103 24.00 -14.61 3.39
C GLU A 103 23.37 -15.91 3.85
N GLY A 104 23.08 -16.78 2.91
CA GLY A 104 22.46 -18.04 3.29
C GLY A 104 20.97 -17.98 3.59
N LEU A 105 20.40 -16.79 3.75
CA LEU A 105 18.95 -16.69 4.00
C LEU A 105 18.24 -16.72 2.66
N THR A 106 17.32 -17.68 2.50
CA THR A 106 16.59 -17.82 1.25
C THR A 106 15.12 -18.06 1.57
N TRP A 107 14.30 -18.14 0.54
CA TRP A 107 12.88 -18.39 0.75
C TRP A 107 12.62 -19.64 1.58
N ASN A 108 13.48 -20.66 1.40
CA ASN A 108 13.32 -21.91 2.12
C ASN A 108 13.80 -21.93 3.57
N SER A 109 14.38 -20.83 4.05
CA SER A 109 14.85 -20.79 5.43
C SER A 109 14.28 -19.61 6.21
N LEU A 110 13.10 -19.14 5.80
CA LEU A 110 12.46 -18.01 6.48
C LEU A 110 11.86 -18.39 7.84
N LYS A 111 11.61 -19.67 8.04
CA LYS A 111 11.05 -20.17 9.29
C LYS A 111 11.84 -19.70 10.51
N ASP A 112 11.12 -19.15 11.50
CA ASP A 112 11.71 -18.67 12.75
C ASP A 112 12.55 -17.40 12.65
N LYS A 113 12.54 -16.76 11.49
CA LYS A 113 13.29 -15.51 11.34
C LYS A 113 12.37 -14.33 11.72
N LYS A 114 12.88 -13.10 11.57
CA LYS A 114 12.12 -11.90 11.91
C LYS A 114 11.56 -11.23 10.65
N SER A 115 10.27 -10.86 10.68
CA SER A 115 9.67 -10.26 9.49
C SER A 115 9.07 -8.86 9.63
N CYS A 116 9.08 -8.13 8.52
CA CYS A 116 8.53 -6.76 8.46
C CYS A 116 7.45 -6.73 7.37
N HIS A 117 6.22 -6.35 7.75
CA HIS A 117 5.08 -6.28 6.85
C HIS A 117 4.50 -4.87 6.79
N THR A 118 3.95 -4.48 5.64
CA THR A 118 3.36 -3.13 5.51
C THR A 118 2.19 -2.97 6.51
N ALA A 119 1.33 -3.98 6.55
CA ALA A 119 0.17 -4.02 7.45
C ALA A 119 -0.61 -5.28 7.18
N VAL A 120 -1.32 -5.78 8.20
CA VAL A 120 -2.16 -6.96 8.01
C VAL A 120 -3.22 -6.59 6.96
N ASP A 121 -3.61 -7.59 6.15
CA ASP A 121 -4.63 -7.42 5.11
C ASP A 121 -4.20 -6.74 3.81
N ARG A 122 -2.96 -6.28 3.72
CA ARG A 122 -2.50 -5.64 2.50
C ARG A 122 -1.89 -6.63 1.50
N THR A 123 -1.87 -6.26 0.23
CA THR A 123 -1.38 -7.14 -0.83
C THR A 123 0.08 -7.65 -0.75
N ALA A 124 1.04 -6.77 -0.98
CA ALA A 124 2.44 -7.18 -0.93
C ALA A 124 2.93 -7.47 0.48
N GLY A 125 2.41 -6.75 1.46
CA GLY A 125 2.88 -6.95 2.81
C GLY A 125 2.29 -8.10 3.59
N TRP A 126 1.15 -8.62 3.15
CA TRP A 126 0.52 -9.69 3.90
C TRP A 126 -0.15 -10.80 3.11
N ASN A 127 -1.20 -10.46 2.36
CA ASN A 127 -1.95 -11.47 1.61
C ASN A 127 -1.13 -12.37 0.69
N ILE A 128 -0.21 -11.81 -0.08
CA ILE A 128 0.60 -12.62 -0.98
C ILE A 128 1.55 -13.52 -0.20
N PRO A 129 2.38 -12.92 0.67
CA PRO A 129 3.33 -13.68 1.49
C PRO A 129 2.80 -14.82 2.35
N MET A 130 1.85 -14.44 3.17
CA MET A 130 1.20 -15.36 4.10
C MET A 130 0.37 -16.42 3.38
N GLY A 131 -0.21 -16.04 2.24
CA GLY A 131 -1.01 -17.01 1.49
C GLY A 131 -0.08 -18.09 0.97
N LEU A 132 1.07 -17.66 0.44
CA LEU A 132 2.06 -18.61 -0.09
C LEU A 132 2.60 -19.51 1.01
N ILE A 133 2.86 -18.93 2.18
CA ILE A 133 3.39 -19.70 3.30
C ILE A 133 2.37 -20.67 3.88
N VAL A 134 1.11 -20.27 3.90
CA VAL A 134 0.07 -21.15 4.43
C VAL A 134 -0.01 -22.36 3.55
N ASN A 135 -0.16 -22.11 2.25
CA ASN A 135 -0.23 -23.20 1.29
C ASN A 135 0.97 -24.13 1.49
N GLN A 136 2.18 -23.64 1.19
CA GLN A 136 3.41 -24.44 1.31
C GLN A 136 3.54 -25.17 2.66
N THR A 137 2.90 -24.64 3.68
CA THR A 137 3.02 -25.22 5.03
C THR A 137 1.86 -26.15 5.43
N GLY A 138 0.71 -26.01 4.76
CA GLY A 138 -0.43 -26.84 5.09
C GLY A 138 -0.90 -26.55 6.52
N SER A 139 -0.73 -25.31 6.95
CA SER A 139 -1.13 -24.92 8.29
C SER A 139 -1.61 -23.47 8.32
N CYS A 140 -2.62 -23.21 9.15
CA CYS A 140 -3.17 -21.87 9.30
C CYS A 140 -2.49 -21.15 10.45
N ALA A 141 -1.40 -21.72 10.94
CA ALA A 141 -0.67 -21.13 12.04
C ALA A 141 0.36 -20.12 11.54
N PHE A 142 -0.07 -19.19 10.68
CA PHE A 142 0.85 -18.19 10.14
C PHE A 142 1.40 -17.27 11.22
N ASP A 143 0.77 -17.30 12.39
CA ASP A 143 1.22 -16.47 13.50
C ASP A 143 2.35 -17.14 14.26
N GLU A 144 2.66 -18.37 13.87
CA GLU A 144 3.72 -19.12 14.51
C GLU A 144 4.87 -19.41 13.54
N PHE A 145 4.81 -18.82 12.34
CA PHE A 145 5.86 -19.05 11.36
C PHE A 145 7.13 -18.24 11.63
N PHE A 146 7.00 -16.93 11.78
CA PHE A 146 8.16 -16.09 12.08
C PHE A 146 8.25 -16.02 13.61
N SER A 147 9.45 -15.80 14.14
CA SER A 147 9.62 -15.73 15.58
C SER A 147 9.06 -14.41 16.12
N GLN A 148 9.35 -13.31 15.41
CA GLN A 148 8.85 -11.98 15.78
C GLN A 148 8.62 -11.17 14.50
N SER A 149 7.68 -10.25 14.55
CA SER A 149 7.39 -9.44 13.39
C SER A 149 6.81 -8.10 13.77
N CYS A 150 6.69 -7.25 12.76
CA CYS A 150 6.00 -6.00 12.92
C CYS A 150 4.99 -6.08 11.78
N ALA A 151 3.73 -6.29 12.13
CA ALA A 151 2.64 -6.37 11.15
C ALA A 151 1.50 -5.51 11.69
N PRO A 152 1.53 -4.20 11.38
CA PRO A 152 0.50 -3.27 11.84
C PRO A 152 -0.91 -3.82 11.68
N GLY A 153 -1.71 -3.72 12.74
CA GLY A 153 -3.07 -4.22 12.67
C GLY A 153 -3.30 -5.51 13.44
N ALA A 154 -2.23 -6.19 13.86
CA ALA A 154 -2.37 -7.43 14.64
C ALA A 154 -2.44 -7.06 16.13
N ASP A 155 -2.67 -8.06 16.97
CA ASP A 155 -2.76 -7.85 18.42
C ASP A 155 -1.44 -7.32 18.96
N PRO A 156 -1.46 -6.13 19.58
CA PRO A 156 -0.26 -5.51 20.14
C PRO A 156 0.55 -6.36 21.11
N LYS A 157 -0.08 -7.31 21.79
CA LYS A 157 0.62 -8.17 22.76
C LYS A 157 1.20 -9.42 22.10
N SER A 158 0.90 -9.64 20.83
CA SER A 158 1.38 -10.83 20.13
C SER A 158 2.74 -10.67 19.47
N ARG A 159 3.34 -11.78 19.08
CA ARG A 159 4.65 -11.70 18.43
C ARG A 159 4.58 -11.02 17.06
N LEU A 160 3.36 -10.87 16.51
CA LEU A 160 3.21 -10.21 15.22
C LEU A 160 3.42 -8.70 15.34
N CYS A 161 3.43 -8.20 16.58
CA CYS A 161 3.64 -6.77 16.82
C CYS A 161 4.92 -6.53 17.65
N ALA A 162 5.59 -7.62 18.01
CA ALA A 162 6.79 -7.54 18.84
C ALA A 162 7.85 -6.58 18.32
N LEU A 163 8.01 -6.51 17.00
CA LEU A 163 9.02 -5.63 16.42
C LEU A 163 8.55 -4.20 16.09
N CYS A 164 7.24 -3.93 16.13
CA CYS A 164 6.78 -2.56 15.84
C CYS A 164 7.22 -1.61 16.95
N ALA A 165 7.39 -0.34 16.61
CA ALA A 165 7.89 0.63 17.56
C ALA A 165 7.00 1.79 17.98
N GLY A 166 5.83 1.94 17.36
CA GLY A 166 4.99 3.06 17.77
C GLY A 166 5.51 4.39 17.25
N ASP A 167 5.03 5.48 17.85
CA ASP A 167 5.42 6.81 17.41
C ASP A 167 6.60 7.40 18.16
N ASP A 168 6.79 8.71 18.00
CA ASP A 168 7.87 9.46 18.67
C ASP A 168 8.00 9.11 20.14
N GLN A 169 6.86 8.92 20.81
CA GLN A 169 6.87 8.63 22.23
C GLN A 169 6.68 7.18 22.62
N GLY A 170 6.58 6.29 21.65
CA GLY A 170 6.37 4.89 21.97
C GLY A 170 4.90 4.54 22.10
N LEU A 171 4.02 5.49 21.76
CA LEU A 171 2.59 5.25 21.81
C LEU A 171 2.12 4.70 20.48
N ASP A 172 0.92 4.11 20.45
CA ASP A 172 0.34 3.57 19.22
C ASP A 172 1.13 2.44 18.58
N LYS A 173 1.83 1.66 19.39
CA LYS A 173 2.61 0.54 18.87
C LYS A 173 1.70 -0.36 18.04
N CYS A 174 2.13 -0.66 16.82
CA CYS A 174 1.39 -1.52 15.90
C CYS A 174 0.09 -0.98 15.30
N VAL A 175 -0.22 0.31 15.46
CA VAL A 175 -1.45 0.78 14.85
C VAL A 175 -1.21 0.82 13.36
N PRO A 176 -2.25 0.47 12.59
CA PRO A 176 -2.16 0.46 11.13
C PRO A 176 -2.35 1.81 10.44
N ASN A 177 -1.50 2.77 10.80
CA ASN A 177 -1.49 4.10 10.17
C ASN A 177 -0.06 4.64 10.30
N SER A 178 0.23 5.75 9.63
CA SER A 178 1.60 6.28 9.63
C SER A 178 2.22 6.72 10.95
N LYS A 179 1.47 6.64 12.05
CA LYS A 179 2.06 7.02 13.34
C LYS A 179 3.02 5.90 13.75
N GLU A 180 2.73 4.68 13.32
CA GLU A 180 3.61 3.55 13.61
C GLU A 180 4.84 3.75 12.69
N LYS A 181 6.01 3.79 13.30
CA LYS A 181 7.28 3.98 12.60
C LYS A 181 7.50 3.00 11.45
N TYR A 182 7.16 1.73 11.65
CA TYR A 182 7.37 0.74 10.60
C TYR A 182 6.14 0.38 9.79
N TYR A 183 5.20 1.32 9.65
CA TYR A 183 3.97 1.10 8.86
C TYR A 183 4.15 1.34 7.36
N GLY A 184 3.42 0.59 6.54
CA GLY A 184 3.48 0.78 5.10
C GLY A 184 4.74 0.34 4.38
N TYR A 185 4.77 0.63 3.08
CA TYR A 185 5.91 0.26 2.25
C TYR A 185 7.22 0.82 2.81
N THR A 186 7.21 2.12 3.10
CA THR A 186 8.40 2.79 3.61
C THR A 186 8.81 2.29 5.00
N GLY A 187 7.81 2.11 5.87
CA GLY A 187 8.06 1.63 7.22
C GLY A 187 8.63 0.23 7.24
N ALA A 188 8.04 -0.67 6.46
CA ALA A 188 8.53 -2.05 6.42
C ALA A 188 9.95 -2.10 5.86
N PHE A 189 10.27 -1.29 4.86
CA PHE A 189 11.64 -1.31 4.35
C PHE A 189 12.61 -0.73 5.40
N ARG A 190 12.15 0.23 6.18
CA ARG A 190 12.99 0.83 7.22
C ARG A 190 13.27 -0.21 8.31
N CYS A 191 12.27 -1.07 8.55
CA CYS A 191 12.36 -2.12 9.54
C CYS A 191 13.49 -3.08 9.15
N LEU A 192 13.65 -3.33 7.85
CA LEU A 192 14.72 -4.19 7.38
C LEU A 192 16.05 -3.41 7.40
N ALA A 193 16.02 -2.19 6.89
CA ALA A 193 17.21 -1.36 6.80
C ALA A 193 17.93 -1.18 8.13
N GLU A 194 17.18 -1.04 9.21
CA GLU A 194 17.78 -0.85 10.53
C GLU A 194 18.03 -2.20 11.19
N ASP A 195 17.89 -3.26 10.42
CA ASP A 195 18.09 -4.62 10.91
C ASP A 195 17.23 -5.06 12.08
N VAL A 196 16.01 -4.55 12.17
CA VAL A 196 15.11 -4.96 13.22
C VAL A 196 14.54 -6.30 12.70
N GLY A 197 14.31 -6.36 11.39
CA GLY A 197 13.80 -7.59 10.82
C GLY A 197 14.78 -8.20 9.83
N ASP A 198 14.59 -9.46 9.48
CA ASP A 198 15.44 -10.17 8.52
C ASP A 198 14.96 -10.05 7.08
N VAL A 199 13.64 -9.91 6.93
CA VAL A 199 13.03 -9.81 5.62
C VAL A 199 11.88 -8.80 5.64
N ALA A 200 11.70 -8.10 4.54
CA ALA A 200 10.63 -7.12 4.41
C ALA A 200 9.81 -7.48 3.20
N PHE A 201 8.49 -7.42 3.35
CA PHE A 201 7.59 -7.74 2.25
C PHE A 201 7.03 -6.43 1.74
N VAL A 202 7.58 -5.96 0.62
CA VAL A 202 7.16 -4.72 0.02
C VAL A 202 7.04 -4.90 -1.49
N LYS A 203 7.22 -3.83 -2.25
CA LYS A 203 7.11 -3.91 -3.69
C LYS A 203 8.43 -3.42 -4.31
N ASN A 204 8.69 -3.82 -5.55
CA ASN A 204 9.93 -3.45 -6.24
C ASN A 204 10.29 -1.98 -6.13
N ASP A 205 9.32 -1.11 -6.38
CA ASP A 205 9.55 0.32 -6.37
C ASP A 205 10.09 0.89 -5.03
N THR A 206 9.67 0.33 -3.89
CA THR A 206 10.10 0.81 -2.57
C THR A 206 11.62 0.78 -2.40
N VAL A 207 12.24 -0.30 -2.86
CA VAL A 207 13.68 -0.46 -2.76
C VAL A 207 14.43 0.68 -3.45
N TRP A 208 14.04 0.97 -4.69
CA TRP A 208 14.66 2.01 -5.49
C TRP A 208 14.48 3.42 -4.94
N GLU A 209 13.28 3.73 -4.48
CA GLU A 209 12.96 5.05 -3.96
C GLU A 209 13.64 5.36 -2.64
N ASN A 210 14.17 4.34 -1.97
CA ASN A 210 14.82 4.57 -0.69
C ASN A 210 16.30 4.21 -0.60
N THR A 211 16.94 4.11 -1.76
CA THR A 211 18.36 3.77 -1.81
C THR A 211 19.13 4.66 -2.81
N ASN A 212 20.46 4.64 -2.69
CA ASN A 212 21.33 5.41 -3.58
C ASN A 212 21.00 6.89 -3.65
N GLY A 213 20.69 7.50 -2.51
CA GLY A 213 20.38 8.92 -2.47
C GLY A 213 19.01 9.41 -2.91
N GLU A 214 18.07 8.52 -3.20
CA GLU A 214 16.74 8.97 -3.63
C GLU A 214 15.85 9.52 -2.50
N SER A 215 16.20 9.33 -1.22
CA SER A 215 15.33 9.75 -0.12
C SER A 215 15.79 10.85 0.86
N THR A 216 17.09 11.09 0.98
CA THR A 216 17.57 12.12 1.91
C THR A 216 17.17 11.89 3.38
N ALA A 217 16.28 10.94 3.63
CA ALA A 217 15.87 10.67 5.01
C ALA A 217 17.04 10.11 5.81
N ASP A 218 17.15 10.57 7.05
CA ASP A 218 18.21 10.16 7.97
C ASP A 218 18.59 8.68 7.89
N TRP A 219 17.61 7.80 8.05
CA TRP A 219 17.86 6.35 8.03
C TRP A 219 18.17 5.77 6.65
N ALA A 220 17.82 6.50 5.60
CA ALA A 220 18.03 6.01 4.24
C ALA A 220 19.17 6.64 3.45
N LYS A 221 19.72 7.74 3.94
CA LYS A 221 20.82 8.43 3.25
C LYS A 221 21.94 7.56 2.70
N ASN A 222 22.42 6.63 3.52
CA ASN A 222 23.54 5.78 3.12
C ASN A 222 23.23 4.39 2.59
N LEU A 223 21.98 4.11 2.24
CA LEU A 223 21.62 2.80 1.73
C LEU A 223 21.95 2.66 0.24
N LYS A 224 22.59 1.54 -0.11
CA LYS A 224 22.98 1.28 -1.49
C LYS A 224 22.19 0.02 -1.92
N ARG A 225 21.67 0.00 -3.14
CA ARG A 225 20.91 -1.18 -3.57
C ARG A 225 21.71 -2.48 -3.66
N GLU A 226 23.04 -2.38 -3.81
CA GLU A 226 23.86 -3.58 -3.89
C GLU A 226 23.91 -4.30 -2.56
N ASP A 227 23.52 -3.61 -1.48
CA ASP A 227 23.52 -4.23 -0.16
C ASP A 227 22.24 -5.04 0.11
N PHE A 228 21.36 -5.09 -0.90
CA PHE A 228 20.11 -5.83 -0.77
C PHE A 228 19.96 -6.92 -1.83
N ARG A 229 19.13 -7.91 -1.53
CA ARG A 229 18.85 -9.02 -2.43
C ARG A 229 17.37 -9.38 -2.35
N LEU A 230 16.81 -9.87 -3.46
CA LEU A 230 15.42 -10.29 -3.51
C LEU A 230 15.37 -11.80 -3.35
N LEU A 231 14.37 -12.31 -2.64
CA LEU A 231 14.23 -13.75 -2.45
C LEU A 231 13.27 -14.27 -3.52
N CYS A 232 13.74 -15.19 -4.37
CA CYS A 232 12.90 -15.76 -5.41
C CYS A 232 12.28 -17.05 -4.92
N LEU A 233 11.10 -17.36 -5.46
CA LEU A 233 10.37 -18.55 -5.07
C LEU A 233 11.09 -19.87 -5.35
N ASP A 234 12.07 -19.88 -6.23
CA ASP A 234 12.78 -21.14 -6.52
C ASP A 234 13.96 -21.37 -5.58
N GLY A 235 13.94 -20.72 -4.42
CA GLY A 235 15.00 -20.87 -3.45
C GLY A 235 16.25 -20.07 -3.73
N THR A 236 16.22 -19.22 -4.75
CA THR A 236 17.41 -18.43 -5.08
C THR A 236 17.38 -16.97 -4.61
N ARG A 237 18.52 -16.29 -4.76
CA ARG A 237 18.71 -14.88 -4.39
C ARG A 237 19.18 -14.10 -5.60
N LYS A 238 18.66 -12.89 -5.77
CA LYS A 238 19.04 -12.08 -6.92
C LYS A 238 19.13 -10.60 -6.60
N PRO A 239 19.87 -9.85 -7.42
CA PRO A 239 20.02 -8.40 -7.23
C PRO A 239 18.65 -7.76 -7.46
N VAL A 240 18.43 -6.60 -6.85
CA VAL A 240 17.15 -5.93 -6.97
C VAL A 240 16.88 -5.45 -8.40
N THR A 241 17.83 -5.67 -9.30
CA THR A 241 17.65 -5.29 -10.71
C THR A 241 16.87 -6.36 -11.46
N GLU A 242 16.72 -7.53 -10.86
CA GLU A 242 16.01 -8.63 -11.51
C GLU A 242 14.60 -8.89 -11.00
N ALA A 243 13.93 -7.83 -10.57
CA ALA A 243 12.58 -7.98 -10.03
C ALA A 243 11.60 -8.66 -10.98
N GLN A 244 11.72 -8.41 -12.29
CA GLN A 244 10.77 -9.03 -13.21
C GLN A 244 10.94 -10.53 -13.30
N SER A 245 12.05 -11.06 -12.79
CA SER A 245 12.28 -12.50 -12.83
C SER A 245 12.39 -13.10 -11.42
N CYS A 246 12.10 -12.29 -10.41
CA CYS A 246 12.20 -12.76 -9.02
C CYS A 246 11.23 -12.00 -8.11
N HIS A 247 9.93 -12.18 -8.35
CA HIS A 247 8.89 -11.53 -7.55
C HIS A 247 7.92 -12.58 -7.03
N LEU A 248 7.14 -12.23 -6.02
CA LEU A 248 6.16 -13.16 -5.45
C LEU A 248 4.87 -13.16 -6.25
N ALA A 249 4.54 -12.02 -6.86
CA ALA A 249 3.33 -11.91 -7.68
C ALA A 249 3.25 -10.48 -8.18
N VAL A 250 2.35 -10.25 -9.15
CA VAL A 250 2.14 -8.89 -9.63
C VAL A 250 0.82 -8.50 -8.96
N ALA A 251 0.79 -7.31 -8.37
CA ALA A 251 -0.38 -6.85 -7.64
C ALA A 251 -1.20 -5.75 -8.34
N PRO A 252 -2.52 -5.75 -8.13
CA PRO A 252 -3.40 -4.75 -8.73
C PRO A 252 -3.05 -3.40 -8.11
N ASN A 253 -2.95 -2.36 -8.92
CA ASN A 253 -2.62 -1.05 -8.38
C ASN A 253 -3.62 -0.58 -7.33
N HIS A 254 -3.16 0.33 -6.47
CA HIS A 254 -4.05 0.90 -5.48
C HIS A 254 -5.08 1.66 -6.25
N ALA A 255 -6.28 1.79 -5.72
CA ALA A 255 -7.33 2.53 -6.42
C ALA A 255 -8.26 3.26 -5.47
N VAL A 256 -8.91 4.28 -5.99
CA VAL A 256 -9.89 5.08 -5.26
C VAL A 256 -11.21 4.32 -5.30
N VAL A 257 -11.89 4.22 -4.16
CA VAL A 257 -13.18 3.55 -4.09
C VAL A 257 -14.22 4.50 -3.47
N SER A 258 -15.49 4.21 -3.73
CA SER A 258 -16.58 5.00 -3.18
C SER A 258 -17.85 4.18 -3.30
N ARG A 259 -18.92 4.64 -2.66
CA ARG A 259 -20.19 3.93 -2.75
C ARG A 259 -20.60 4.05 -4.22
N SER A 260 -21.16 2.98 -4.79
CA SER A 260 -21.54 3.02 -6.20
C SER A 260 -22.45 4.20 -6.50
N ASP A 261 -23.34 4.54 -5.56
CA ASP A 261 -24.24 5.65 -5.79
C ASP A 261 -23.54 7.02 -5.83
N ARG A 262 -22.25 7.05 -5.47
CA ARG A 262 -21.48 8.30 -5.47
C ARG A 262 -20.30 8.29 -6.46
N ALA A 263 -20.08 7.15 -7.11
CA ALA A 263 -18.95 6.98 -8.04
C ALA A 263 -18.79 8.02 -9.16
N ALA A 264 -19.86 8.26 -9.89
CA ALA A 264 -19.83 9.22 -10.99
C ALA A 264 -19.43 10.60 -10.54
N HIS A 265 -19.94 11.02 -9.40
CA HIS A 265 -19.65 12.35 -8.89
C HIS A 265 -18.23 12.45 -8.36
N VAL A 266 -17.75 11.38 -7.72
CA VAL A 266 -16.39 11.37 -7.19
C VAL A 266 -15.41 11.40 -8.36
N GLU A 267 -15.71 10.62 -9.40
CA GLU A 267 -14.86 10.55 -10.58
C GLU A 267 -14.68 11.94 -11.22
N GLN A 268 -15.79 12.65 -11.42
CA GLN A 268 -15.75 13.98 -12.02
C GLN A 268 -14.85 14.95 -11.26
N VAL A 269 -15.07 15.05 -9.96
CA VAL A 269 -14.28 15.97 -9.14
C VAL A 269 -12.81 15.62 -9.16
N LEU A 270 -12.47 14.36 -8.93
CA LEU A 270 -11.07 13.95 -8.92
C LEU A 270 -10.34 14.29 -10.20
N LEU A 271 -10.97 14.06 -11.35
CA LEU A 271 -10.34 14.38 -12.62
C LEU A 271 -9.98 15.87 -12.71
N HIS A 272 -10.82 16.74 -12.17
CA HIS A 272 -10.55 18.19 -12.19
C HIS A 272 -9.47 18.52 -11.17
N GLN A 273 -9.49 17.83 -10.03
CA GLN A 273 -8.49 18.06 -9.00
C GLN A 273 -7.08 17.70 -9.48
N GLN A 274 -6.94 16.66 -10.29
CA GLN A 274 -5.60 16.32 -10.72
C GLN A 274 -5.09 17.24 -11.85
N ALA A 275 -6.01 17.82 -12.61
CA ALA A 275 -5.59 18.73 -13.67
C ALA A 275 -4.95 19.93 -12.98
N LEU A 276 -5.35 20.17 -11.73
CA LEU A 276 -4.83 21.30 -10.96
C LEU A 276 -3.59 20.98 -10.11
N PHE A 277 -3.64 19.86 -9.38
CA PHE A 277 -2.56 19.51 -8.47
C PHE A 277 -1.76 18.26 -8.81
N GLY A 278 -2.08 17.65 -9.94
CA GLY A 278 -1.36 16.47 -10.35
C GLY A 278 0.04 16.78 -10.84
N LYS A 279 0.69 15.79 -11.44
CA LYS A 279 2.05 15.91 -11.94
C LYS A 279 2.41 17.11 -12.82
N ASN A 280 1.66 17.32 -13.90
CA ASN A 280 1.93 18.45 -14.78
C ASN A 280 0.93 19.56 -14.52
N GLY A 281 0.09 19.35 -13.50
CA GLY A 281 -0.96 20.29 -13.12
C GLY A 281 -0.68 21.78 -12.97
N LYS A 282 -1.75 22.53 -13.22
CA LYS A 282 -1.74 23.98 -13.15
C LYS A 282 -1.05 24.57 -11.94
N ASN A 283 -1.31 24.01 -10.76
CA ASN A 283 -0.75 24.60 -9.57
C ASN A 283 0.41 23.78 -9.02
N CYS A 284 0.76 22.55 -9.46
CA CYS A 284 1.82 21.70 -8.75
C CYS A 284 3.05 22.35 -8.03
N PRO A 285 4.32 22.44 -8.56
CA PRO A 285 5.32 23.01 -7.63
C PRO A 285 4.84 24.22 -6.83
N ASP A 286 4.31 25.18 -7.55
CA ASP A 286 3.84 26.42 -7.05
C ASP A 286 3.08 26.35 -5.75
N LYS A 287 1.84 25.89 -5.79
CA LYS A 287 1.02 25.88 -4.59
C LYS A 287 0.79 24.54 -3.88
N PHE A 288 0.44 23.50 -4.62
CA PHE A 288 0.18 22.21 -3.99
C PHE A 288 0.27 21.02 -4.95
N CYS A 289 0.93 19.97 -4.49
CA CYS A 289 1.07 18.76 -5.30
C CYS A 289 0.43 17.57 -4.59
N LEU A 290 -0.65 17.08 -5.17
CA LEU A 290 -1.41 15.97 -4.63
C LEU A 290 -0.58 14.70 -4.43
N PHE A 291 0.33 14.43 -5.35
CA PHE A 291 1.11 13.20 -5.30
C PHE A 291 2.49 13.23 -4.66
N LYS A 292 2.72 14.20 -3.77
CA LYS A 292 4.00 14.30 -3.07
C LYS A 292 3.77 14.39 -1.57
N SER A 293 4.70 13.84 -0.80
CA SER A 293 4.63 13.87 0.67
C SER A 293 5.96 13.34 1.24
N GLU A 294 7.05 13.80 0.65
CA GLU A 294 8.40 13.41 1.05
C GLU A 294 8.62 11.94 1.40
N THR A 295 8.28 11.05 0.45
CA THR A 295 8.48 9.61 0.61
C THR A 295 7.52 8.90 1.57
N LYS A 296 6.55 9.63 2.11
CA LYS A 296 5.61 9.05 3.07
C LYS A 296 4.37 8.42 2.46
N ASN A 297 4.16 8.61 1.16
CA ASN A 297 3.02 8.02 0.49
C ASN A 297 1.72 8.34 1.22
N LEU A 298 1.47 9.63 1.46
CA LEU A 298 0.26 10.06 2.19
C LEU A 298 -0.89 10.29 1.21
N LEU A 299 -2.00 9.58 1.43
CA LEU A 299 -3.21 9.62 0.60
C LEU A 299 -3.00 8.88 -0.72
N PHE A 300 -1.85 9.12 -1.36
CA PHE A 300 -1.51 8.47 -2.62
C PHE A 300 -0.04 8.05 -2.58
N ASN A 301 0.34 7.08 -3.40
CA ASN A 301 1.74 6.68 -3.46
C ASN A 301 2.48 7.82 -4.14
N ASP A 302 3.65 8.19 -3.59
CA ASP A 302 4.43 9.27 -4.16
C ASP A 302 4.90 9.07 -5.60
N ASN A 303 4.92 7.83 -6.09
CA ASN A 303 5.36 7.60 -7.46
C ASN A 303 4.20 7.61 -8.47
N THR A 304 3.03 8.07 -8.05
CA THR A 304 1.86 8.13 -8.93
C THR A 304 1.98 9.25 -9.99
N GLU A 305 1.83 8.90 -11.26
CA GLU A 305 1.89 9.91 -12.31
C GLU A 305 0.52 10.56 -12.46
N CYS A 306 -0.52 9.73 -12.36
CA CYS A 306 -1.90 10.22 -12.49
C CYS A 306 -2.87 9.14 -12.05
N LEU A 307 -4.13 9.55 -11.90
CA LEU A 307 -5.20 8.62 -11.56
C LEU A 307 -5.81 8.33 -12.93
N ALA A 308 -6.01 7.06 -13.24
CA ALA A 308 -6.54 6.65 -14.54
C ALA A 308 -7.96 6.08 -14.49
N LYS A 309 -8.69 6.30 -15.59
CA LYS A 309 -10.05 5.79 -15.72
C LYS A 309 -9.88 4.29 -15.88
N LEU A 310 -10.88 3.52 -15.48
CA LEU A 310 -10.76 2.08 -15.56
C LEU A 310 -11.14 1.40 -16.88
N GLY A 311 -12.28 1.73 -17.47
CA GLY A 311 -12.62 1.11 -18.74
C GLY A 311 -13.05 -0.34 -18.60
N GLY A 312 -14.32 -0.57 -18.93
CA GLY A 312 -14.90 -1.89 -18.81
C GLY A 312 -15.70 -1.87 -17.53
N ARG A 313 -15.82 -0.66 -16.96
CA ARG A 313 -16.54 -0.42 -15.70
C ARG A 313 -16.52 -1.70 -14.88
N PRO A 314 -15.32 -2.10 -14.44
CA PRO A 314 -15.08 -3.31 -13.64
C PRO A 314 -15.72 -3.37 -12.26
N THR A 315 -16.15 -4.57 -11.87
CA THR A 315 -16.68 -4.75 -10.53
C THR A 315 -15.37 -4.85 -9.71
N TYR A 316 -15.48 -5.00 -8.40
CA TYR A 316 -14.25 -5.11 -7.63
C TYR A 316 -13.53 -6.45 -7.92
N GLU A 317 -14.30 -7.51 -8.21
CA GLU A 317 -13.70 -8.81 -8.49
C GLU A 317 -12.96 -8.77 -9.82
N GLU A 318 -13.52 -8.07 -10.80
CA GLU A 318 -12.89 -7.96 -12.09
C GLU A 318 -11.64 -7.09 -11.98
N TYR A 319 -11.69 -6.06 -11.15
CA TYR A 319 -10.56 -5.18 -10.99
C TYR A 319 -9.40 -5.92 -10.35
N LEU A 320 -9.67 -6.66 -9.29
CA LEU A 320 -8.61 -7.40 -8.61
C LEU A 320 -8.16 -8.62 -9.41
N GLY A 321 -9.06 -9.19 -10.22
CA GLY A 321 -8.72 -10.35 -11.01
C GLY A 321 -9.01 -11.63 -10.24
N THR A 322 -9.42 -12.68 -10.94
CA THR A 322 -9.77 -13.94 -10.29
C THR A 322 -8.60 -14.66 -9.62
N GLU A 323 -7.38 -14.48 -10.11
CA GLU A 323 -6.25 -15.13 -9.47
C GLU A 323 -6.13 -14.61 -8.03
N TYR A 324 -6.03 -13.29 -7.90
CA TYR A 324 -5.88 -12.64 -6.60
C TYR A 324 -7.06 -12.85 -5.67
N VAL A 325 -8.28 -12.74 -6.19
CA VAL A 325 -9.46 -12.92 -5.37
C VAL A 325 -9.54 -14.30 -4.72
N THR A 326 -9.19 -15.34 -5.46
CA THR A 326 -9.24 -16.68 -4.90
C THR A 326 -8.16 -16.83 -3.84
N ALA A 327 -7.03 -16.15 -4.05
CA ALA A 327 -5.92 -16.20 -3.10
C ALA A 327 -6.36 -15.67 -1.72
N ILE A 328 -7.03 -14.51 -1.71
CA ILE A 328 -7.51 -13.91 -0.47
C ILE A 328 -8.56 -14.76 0.21
N ALA A 329 -9.54 -15.22 -0.57
CA ALA A 329 -10.61 -16.08 -0.05
C ALA A 329 -9.98 -17.23 0.70
N ASN A 330 -9.09 -17.96 0.02
CA ASN A 330 -8.41 -19.09 0.65
C ASN A 330 -7.69 -18.74 1.95
N LEU A 331 -6.95 -17.63 1.96
CA LEU A 331 -6.23 -17.22 3.17
C LEU A 331 -7.22 -16.84 4.28
N LYS A 332 -8.33 -16.21 3.92
CA LYS A 332 -9.32 -15.80 4.91
C LYS A 332 -9.96 -17.02 5.55
N LYS A 333 -10.02 -18.15 4.83
CA LYS A 333 -10.61 -19.36 5.39
C LYS A 333 -9.91 -19.68 6.72
N CYS A 334 -8.64 -19.26 6.81
CA CYS A 334 -7.86 -19.48 8.02
C CYS A 334 -8.32 -18.60 9.19
N SER A 335 -8.53 -17.32 8.93
CA SER A 335 -8.97 -16.39 9.98
C SER A 335 -10.48 -16.40 10.14
N LEU B 1 -22.03 -6.96 10.59
CA LEU B 1 -22.05 -6.43 9.22
C LEU B 1 -21.09 -5.24 9.08
N GLU B 2 -19.87 -5.46 8.60
CA GLU B 2 -18.78 -4.45 8.39
C GLU B 2 -17.71 -5.49 8.35
N ALA B 3 -17.95 -6.33 7.37
CA ALA B 3 -17.23 -7.57 7.10
C ALA B 3 -18.42 -8.23 6.45
N CYS B 4 -19.14 -7.33 5.79
CA CYS B 4 -20.38 -7.56 5.04
C CYS B 4 -20.20 -8.60 3.94
N ALA B 5 -20.20 -9.89 4.27
CA ALA B 5 -20.04 -11.01 3.32
C ALA B 5 -18.63 -11.59 3.32
#